data_3TXY
#
_entry.id   3TXY
#
_cell.length_a   61.790
_cell.length_b   61.790
_cell.length_c   181.770
_cell.angle_alpha   90.000
_cell.angle_beta   90.000
_cell.angle_gamma   120.000
#
_symmetry.space_group_name_H-M   'P 62 2 2'
#
loop_
_entity.id
_entity.type
_entity.pdbx_description
1 polymer 'Isochorismatase family protein family'
2 non-polymer 1,2-ETHANEDIOL
3 water water
#
_entity_poly.entity_id   1
_entity_poly.type   'polypeptide(L)'
_entity_poly.pdbx_seq_one_letter_code
;GPGSMSIPTLNPTVALVAIDLQNGIVVLPMVPQSGGDVVAKTAELANAFRARKLPVIFVHTSYQPDGAVALKVKTDVPPS
PPNLDPEWSAFAPALGVQPLDVVVTKHQWGAFTGTDLDVQLRRRGITDIVLTGIATNIGVESTAREAYENNYNVVVVSDA
VSTWSTDAQTFALTQIFPKLGQVATAADVEAALETQQTR
;
_entity_poly.pdbx_strand_id   A
#
# COMPACT_ATOMS: atom_id res chain seq x y z
N SER A 6 -14.10 6.05 14.78
CA SER A 6 -14.40 7.44 14.35
C SER A 6 -13.91 7.63 12.91
N ILE A 7 -14.70 8.31 12.09
CA ILE A 7 -14.34 8.40 10.67
C ILE A 7 -13.19 9.39 10.52
N PRO A 8 -12.23 9.06 9.64
CA PRO A 8 -11.08 9.92 9.44
C PRO A 8 -11.47 11.21 8.74
N THR A 9 -10.65 12.24 8.91
CA THR A 9 -10.82 13.47 8.17
C THR A 9 -10.07 13.36 6.85
N LEU A 10 -10.78 13.60 5.75
CA LEU A 10 -10.19 13.51 4.42
C LEU A 10 -10.51 14.74 3.59
N ASN A 11 -9.49 15.32 2.96
CA ASN A 11 -9.69 16.29 1.88
C ASN A 11 -10.23 15.60 0.62
N PRO A 12 -10.93 16.35 -0.26
CA PRO A 12 -11.42 15.74 -1.51
C PRO A 12 -10.33 15.21 -2.44
N THR A 13 -9.16 15.82 -2.33
CA THR A 13 -7.97 15.53 -3.12
C THR A 13 -7.24 14.32 -2.52
N VAL A 14 -7.88 13.16 -2.65
CA VAL A 14 -7.41 11.94 -2.01
C VAL A 14 -7.22 10.81 -3.04
N ALA A 15 -6.15 10.04 -2.84
CA ALA A 15 -5.82 8.85 -3.61
C ALA A 15 -5.76 7.60 -2.75
N LEU A 16 -6.11 6.47 -3.36
CA LEU A 16 -5.95 5.13 -2.78
C LEU A 16 -4.61 4.58 -3.27
N VAL A 17 -3.76 4.15 -2.33
CA VAL A 17 -2.45 3.58 -2.66
C VAL A 17 -2.35 2.20 -2.01
N ALA A 18 -2.20 1.17 -2.82
CA ALA A 18 -2.26 -0.21 -2.36
C ALA A 18 -0.91 -0.88 -2.57
N ILE A 19 -0.33 -1.41 -1.51
CA ILE A 19 1.06 -1.90 -1.56
C ILE A 19 1.16 -3.42 -1.71
N ASP A 20 1.82 -3.85 -2.79
CA ASP A 20 2.34 -5.21 -3.00
C ASP A 20 1.26 -6.30 -3.00
N LEU A 21 0.10 -5.97 -3.56
CA LEU A 21 -0.97 -6.96 -3.69
C LEU A 21 -0.76 -7.78 -4.97
N GLN A 22 0.36 -8.51 -4.93
CA GLN A 22 0.87 -9.30 -6.02
C GLN A 22 0.90 -10.78 -5.65
N ASN A 23 0.86 -11.64 -6.66
CA ASN A 23 0.72 -13.07 -6.43
C ASN A 23 1.69 -13.64 -5.39
N GLY A 24 2.95 -13.22 -5.45
CA GLY A 24 3.97 -13.78 -4.58
C GLY A 24 3.89 -13.33 -3.12
N ILE A 25 3.11 -12.31 -2.84
CA ILE A 25 3.02 -11.74 -1.50
C ILE A 25 1.63 -12.01 -0.88
N VAL A 26 0.57 -11.94 -1.67
CA VAL A 26 -0.76 -12.21 -1.13
C VAL A 26 -0.93 -13.65 -0.63
N VAL A 27 -0.09 -14.58 -1.08
CA VAL A 27 -0.21 -15.99 -0.66
C VAL A 27 0.54 -16.30 0.64
N LEU A 28 1.23 -15.29 1.18
CA LEU A 28 2.03 -15.45 2.37
C LEU A 28 1.13 -15.51 3.63
N PRO A 29 1.62 -16.16 4.70
CA PRO A 29 0.81 -16.19 5.92
C PRO A 29 0.80 -14.82 6.57
N MET A 30 -0.37 -14.35 7.00
CA MET A 30 -0.47 -13.02 7.57
C MET A 30 -1.72 -12.81 8.40
N VAL A 31 -1.67 -11.82 9.29
CA VAL A 31 -2.75 -11.54 10.20
C VAL A 31 -2.93 -10.04 10.30
N PRO A 32 -4.09 -9.57 10.78
CA PRO A 32 -5.27 -10.27 11.32
C PRO A 32 -6.30 -10.66 10.25
N GLN A 33 -6.03 -10.34 9.00
CA GLN A 33 -6.80 -10.87 7.89
C GLN A 33 -5.88 -11.38 6.79
N SER A 34 -6.41 -12.29 5.97
CA SER A 34 -5.59 -12.99 4.99
C SER A 34 -5.22 -12.05 3.83
N GLY A 35 -4.29 -12.50 2.99
CA GLY A 35 -3.95 -11.76 1.78
C GLY A 35 -5.19 -11.53 0.91
N GLY A 36 -5.99 -12.58 0.77
CA GLY A 36 -7.25 -12.53 0.02
C GLY A 36 -8.22 -11.48 0.54
N ASP A 37 -8.33 -11.37 1.86
CA ASP A 37 -9.19 -10.34 2.46
C ASP A 37 -8.65 -8.94 2.21
N VAL A 38 -7.32 -8.80 2.26
CA VAL A 38 -6.71 -7.50 2.00
C VAL A 38 -6.98 -7.09 0.55
N VAL A 39 -6.83 -8.04 -0.36
CA VAL A 39 -7.15 -7.83 -1.77
C VAL A 39 -8.62 -7.43 -1.94
N ALA A 40 -9.52 -8.18 -1.30
CA ALA A 40 -10.97 -7.92 -1.46
C ALA A 40 -11.34 -6.54 -0.95
N LYS A 41 -10.82 -6.19 0.23
CA LYS A 41 -11.13 -4.92 0.85
C LYS A 41 -10.63 -3.77 0.00
N THR A 42 -9.44 -3.96 -0.57
CA THR A 42 -8.81 -2.94 -1.40
C THR A 42 -9.63 -2.72 -2.67
N ALA A 43 -10.08 -3.79 -3.29
CA ALA A 43 -10.92 -3.68 -4.48
C ALA A 43 -12.22 -2.90 -4.17
N GLU A 44 -12.84 -3.18 -3.03
CA GLU A 44 -14.06 -2.48 -2.62
C GLU A 44 -13.80 -1.00 -2.47
N LEU A 45 -12.71 -0.65 -1.82
CA LEU A 45 -12.35 0.77 -1.71
C LEU A 45 -12.05 1.40 -3.08
N ALA A 46 -11.34 0.66 -3.92
CA ALA A 46 -10.99 1.11 -5.26
C ALA A 46 -12.25 1.47 -6.03
N ASN A 47 -13.28 0.64 -5.89
CA ASN A 47 -14.57 0.94 -6.54
C ASN A 47 -15.15 2.29 -6.06
N ALA A 48 -15.05 2.52 -4.76
CA ALA A 48 -15.53 3.77 -4.16
C ALA A 48 -14.72 5.00 -4.65
N PHE A 49 -13.40 4.82 -4.78
CA PHE A 49 -12.54 5.86 -5.36
C PHE A 49 -12.84 6.14 -6.83
N ARG A 50 -12.91 5.09 -7.65
CA ARG A 50 -13.14 5.26 -9.08
C ARG A 50 -14.48 5.92 -9.37
N ALA A 51 -15.50 5.52 -8.61
CA ALA A 51 -16.83 6.16 -8.62
C ALA A 51 -16.79 7.68 -8.48
N ARG A 52 -15.77 8.18 -7.79
CA ARG A 52 -15.63 9.61 -7.52
C ARG A 52 -14.55 10.28 -8.37
N LYS A 53 -14.07 9.54 -9.38
CA LYS A 53 -12.98 9.97 -10.25
C LYS A 53 -11.73 10.33 -9.44
N LEU A 54 -11.48 9.55 -8.40
CA LEU A 54 -10.29 9.71 -7.56
C LEU A 54 -9.29 8.65 -7.95
N PRO A 55 -7.99 9.00 -7.98
CA PRO A 55 -6.99 8.05 -8.48
C PRO A 55 -6.80 6.84 -7.59
N VAL A 56 -6.58 5.69 -8.23
CA VAL A 56 -6.23 4.44 -7.56
C VAL A 56 -4.84 4.02 -8.04
N ILE A 57 -3.93 3.83 -7.09
CA ILE A 57 -2.54 3.61 -7.39
C ILE A 57 -2.14 2.29 -6.81
N PHE A 58 -1.81 1.36 -7.71
CA PHE A 58 -1.41 0.04 -7.32
C PHE A 58 0.08 -0.13 -7.45
N VAL A 59 0.70 -0.50 -6.33
CA VAL A 59 2.14 -0.63 -6.23
C VAL A 59 2.52 -2.11 -6.19
N HIS A 60 3.53 -2.49 -6.97
CA HIS A 60 4.08 -3.83 -6.87
C HIS A 60 5.57 -3.74 -6.88
N THR A 61 6.20 -4.80 -6.39
CA THR A 61 7.64 -4.93 -6.31
C THR A 61 8.11 -5.87 -7.40
N SER A 62 9.14 -5.46 -8.11
CA SER A 62 9.76 -6.28 -9.12
C SER A 62 11.27 -6.10 -9.09
N TYR A 63 11.99 -7.17 -9.40
CA TYR A 63 13.43 -7.12 -9.58
C TYR A 63 13.86 -7.54 -11.00
N GLN A 64 12.88 -7.57 -11.91
CA GLN A 64 13.12 -7.82 -13.34
C GLN A 64 14.09 -6.79 -13.89
N PRO A 65 14.89 -7.16 -14.91
CA PRO A 65 14.94 -8.42 -15.61
C PRO A 65 15.96 -9.41 -15.03
N ASP A 66 16.87 -8.93 -14.20
CA ASP A 66 18.06 -9.70 -13.82
C ASP A 66 18.33 -9.80 -12.30
N GLY A 67 17.44 -9.27 -11.47
CA GLY A 67 17.70 -9.25 -10.02
C GLY A 67 18.78 -8.30 -9.50
N ALA A 68 19.50 -7.59 -10.38
CA ALA A 68 20.63 -6.76 -9.95
C ALA A 68 20.17 -5.57 -9.13
N VAL A 69 18.90 -5.18 -9.30
CA VAL A 69 18.38 -4.04 -8.59
C VAL A 69 17.89 -4.34 -7.17
N ALA A 70 17.83 -5.61 -6.78
CA ALA A 70 17.52 -6.01 -5.40
C ALA A 70 18.62 -5.52 -4.49
N LEU A 71 18.27 -5.00 -3.32
CA LEU A 71 19.31 -4.53 -2.37
C LEU A 71 20.12 -5.72 -1.89
N LYS A 72 21.45 -5.53 -1.86
CA LYS A 72 22.39 -6.55 -1.41
C LYS A 72 23.22 -6.03 -0.21
N VAL A 73 22.76 -4.96 0.41
CA VAL A 73 23.36 -4.45 1.63
C VAL A 73 23.35 -5.51 2.74
N LYS A 74 24.29 -5.36 3.66
CA LYS A 74 24.51 -6.34 4.72
C LYS A 74 23.40 -6.21 5.79
N THR A 75 22.70 -7.32 6.02
CA THR A 75 21.64 -7.39 7.03
C THR A 75 21.86 -8.61 7.90
N ASP A 76 21.41 -8.54 9.16
CA ASP A 76 21.52 -9.66 10.09
C ASP A 76 20.67 -10.85 9.65
N VAL A 77 19.50 -10.56 9.09
CA VAL A 77 18.61 -11.59 8.58
C VAL A 77 18.80 -11.63 7.07
N PRO A 78 19.41 -12.72 6.55
CA PRO A 78 19.59 -12.78 5.10
C PRO A 78 18.25 -12.70 4.39
N PRO A 79 18.13 -11.83 3.36
CA PRO A 79 16.88 -11.78 2.60
C PRO A 79 16.75 -13.00 1.66
N SER A 80 15.50 -13.28 1.25
CA SER A 80 15.26 -14.24 0.17
C SER A 80 15.95 -13.72 -1.09
N PRO A 81 16.52 -14.64 -1.90
CA PRO A 81 17.00 -14.18 -3.21
C PRO A 81 15.84 -13.59 -4.01
N PRO A 82 16.12 -12.65 -4.92
CA PRO A 82 15.03 -12.07 -5.70
C PRO A 82 14.30 -13.11 -6.53
N ASN A 83 12.96 -13.14 -6.45
CA ASN A 83 12.17 -14.03 -7.31
C ASN A 83 11.94 -13.40 -8.67
N LEU A 84 12.50 -14.03 -9.72
CA LEU A 84 12.44 -13.48 -11.08
C LEU A 84 11.34 -14.11 -11.94
N ASP A 85 10.48 -14.92 -11.33
CA ASP A 85 9.26 -15.40 -11.99
C ASP A 85 8.36 -14.21 -12.28
N PRO A 86 7.99 -13.98 -13.55
CA PRO A 86 7.08 -12.86 -13.80
C PRO A 86 5.76 -12.94 -13.02
N GLU A 87 5.30 -14.15 -12.70
CA GLU A 87 4.06 -14.27 -11.92
C GLU A 87 4.19 -13.77 -10.48
N TRP A 88 5.41 -13.79 -9.93
CA TRP A 88 5.63 -13.34 -8.58
C TRP A 88 5.23 -11.88 -8.38
N SER A 89 5.47 -11.05 -9.39
CA SER A 89 5.17 -9.60 -9.32
C SER A 89 3.87 -9.17 -10.02
N ALA A 90 3.17 -10.11 -10.66
CA ALA A 90 1.87 -9.84 -11.29
C ALA A 90 0.81 -9.55 -10.21
N PHE A 91 -0.10 -8.62 -10.47
CA PHE A 91 -1.15 -8.31 -9.49
C PHE A 91 -2.10 -9.49 -9.32
N ALA A 92 -2.58 -9.65 -8.09
CA ALA A 92 -3.61 -10.65 -7.80
C ALA A 92 -4.81 -10.39 -8.72
N PRO A 93 -5.28 -11.41 -9.47
CA PRO A 93 -6.46 -11.18 -10.34
C PRO A 93 -7.68 -10.59 -9.62
N ALA A 94 -7.93 -10.97 -8.37
CA ALA A 94 -9.08 -10.43 -7.64
C ALA A 94 -8.95 -8.95 -7.30
N LEU A 95 -7.77 -8.38 -7.48
CA LEU A 95 -7.57 -6.96 -7.20
C LEU A 95 -8.26 -6.05 -8.22
N GLY A 96 -8.54 -6.57 -9.41
CA GLY A 96 -9.25 -5.83 -10.46
C GLY A 96 -8.52 -4.63 -11.00
N VAL A 97 -7.20 -4.73 -11.14
CA VAL A 97 -6.40 -3.62 -11.66
C VAL A 97 -6.85 -3.29 -13.10
N GLN A 98 -7.24 -2.03 -13.33
CA GLN A 98 -7.78 -1.59 -14.62
C GLN A 98 -6.69 -0.89 -15.43
N PRO A 99 -6.77 -0.96 -16.78
CA PRO A 99 -5.78 -0.26 -17.63
C PRO A 99 -5.56 1.24 -17.38
N LEU A 100 -6.52 1.97 -16.79
CA LEU A 100 -6.33 3.41 -16.49
C LEU A 100 -5.94 3.70 -15.05
N ASP A 101 -5.75 2.63 -14.27
CA ASP A 101 -5.27 2.75 -12.92
C ASP A 101 -3.80 3.07 -12.98
N VAL A 102 -3.28 3.70 -11.94
CA VAL A 102 -1.88 4.03 -11.91
C VAL A 102 -1.15 2.83 -11.38
N VAL A 103 -0.15 2.34 -12.13
CA VAL A 103 0.70 1.23 -11.67
C VAL A 103 2.11 1.76 -11.37
N VAL A 104 2.55 1.56 -10.13
CA VAL A 104 3.87 1.99 -9.67
C VAL A 104 4.69 0.76 -9.38
N THR A 105 5.91 0.72 -9.89
CA THR A 105 6.80 -0.43 -9.70
C THR A 105 7.97 -0.04 -8.81
N LYS A 106 8.15 -0.75 -7.71
CA LYS A 106 9.24 -0.44 -6.78
C LYS A 106 10.22 -1.61 -6.67
N HIS A 107 11.39 -1.31 -6.11
CA HIS A 107 12.49 -2.29 -5.97
C HIS A 107 13.00 -2.44 -4.55
N GLN A 108 12.19 -2.06 -3.58
CA GLN A 108 12.51 -2.16 -2.13
C GLN A 108 11.22 -1.99 -1.33
N TRP A 109 11.33 -1.80 0.00
CA TRP A 109 10.16 -1.77 0.88
C TRP A 109 9.18 -0.69 0.51
N GLY A 110 9.62 0.56 0.66
CA GLY A 110 8.76 1.70 0.47
C GLY A 110 8.51 2.03 -0.97
N ALA A 111 7.38 2.70 -1.22
CA ALA A 111 6.90 2.93 -2.58
C ALA A 111 7.34 4.22 -3.24
N PHE A 112 8.22 5.01 -2.60
CA PHE A 112 8.71 6.24 -3.19
C PHE A 112 10.07 6.11 -3.87
N THR A 113 11.04 5.50 -3.18
CA THR A 113 12.40 5.40 -3.71
C THR A 113 12.41 4.72 -5.10
N GLY A 114 12.99 5.41 -6.09
CA GLY A 114 13.09 4.88 -7.43
C GLY A 114 11.78 4.74 -8.18
N THR A 115 10.73 5.44 -7.73
CA THR A 115 9.42 5.32 -8.37
C THR A 115 8.88 6.65 -8.82
N ASP A 116 7.76 6.60 -9.53
CA ASP A 116 7.00 7.80 -9.89
C ASP A 116 5.81 8.08 -8.97
N LEU A 117 5.78 7.51 -7.77
CA LEU A 117 4.63 7.71 -6.89
C LEU A 117 4.42 9.20 -6.55
N ASP A 118 5.45 9.86 -6.10
CA ASP A 118 5.30 11.26 -5.73
C ASP A 118 4.91 12.12 -6.96
N VAL A 119 5.57 11.87 -8.08
CA VAL A 119 5.21 12.53 -9.34
C VAL A 119 3.70 12.36 -9.67
N GLN A 120 3.20 11.14 -9.51
CA GLN A 120 1.78 10.86 -9.82
C GLN A 120 0.87 11.60 -8.86
N LEU A 121 1.20 11.55 -7.57
CA LEU A 121 0.42 12.28 -6.57
C LEU A 121 0.41 13.78 -6.80
N ARG A 122 1.60 14.37 -6.95
CA ARG A 122 1.72 15.83 -7.13
CA ARG A 122 1.69 15.82 -7.13
C ARG A 122 0.95 16.30 -8.37
N ARG A 123 1.19 15.63 -9.48
CA ARG A 123 0.62 16.06 -10.73
C ARG A 123 -0.89 15.87 -10.83
N ARG A 124 -1.42 15.03 -9.95
CA ARG A 124 -2.85 14.76 -9.87
C ARG A 124 -3.51 15.61 -8.77
N GLY A 125 -2.72 16.49 -8.15
CA GLY A 125 -3.20 17.42 -7.14
C GLY A 125 -3.56 16.77 -5.82
N ILE A 126 -2.94 15.63 -5.49
CA ILE A 126 -3.34 14.84 -4.33
C ILE A 126 -2.66 15.28 -3.04
N THR A 127 -3.45 15.47 -1.99
CA THR A 127 -2.94 15.91 -0.69
C THR A 127 -3.01 14.80 0.38
N ASP A 128 -3.90 13.82 0.17
CA ASP A 128 -4.24 12.81 1.15
C ASP A 128 -4.06 11.44 0.49
N ILE A 129 -3.46 10.50 1.20
CA ILE A 129 -3.39 9.11 0.72
C ILE A 129 -4.05 8.15 1.71
N VAL A 130 -4.81 7.22 1.14
CA VAL A 130 -5.39 6.11 1.89
C VAL A 130 -4.59 4.88 1.50
N LEU A 131 -3.98 4.27 2.52
CA LEU A 131 -3.01 3.20 2.34
C LEU A 131 -3.55 1.83 2.75
N THR A 132 -3.40 0.88 1.83
CA THR A 132 -3.67 -0.52 2.11
C THR A 132 -2.45 -1.35 1.67
N GLY A 133 -2.45 -2.60 2.08
CA GLY A 133 -1.51 -3.60 1.54
C GLY A 133 -0.72 -4.42 2.55
N ILE A 134 0.37 -5.01 2.07
CA ILE A 134 1.15 -6.01 2.80
C ILE A 134 2.64 -5.65 2.64
N ALA A 135 3.50 -5.74 3.67
CA ALA A 135 3.15 -5.97 5.08
C ALA A 135 3.02 -4.64 5.81
N THR A 136 2.16 -4.61 6.82
CA THR A 136 1.90 -3.41 7.61
C THR A 136 3.17 -2.72 8.04
N ASN A 137 4.09 -3.47 8.63
CA ASN A 137 5.32 -2.90 9.17
C ASN A 137 6.45 -2.68 8.17
N ILE A 138 6.32 -3.17 6.94
CA ILE A 138 7.43 -3.13 6.01
C ILE A 138 7.09 -2.14 4.88
N GLY A 139 6.52 -2.62 3.78
CA GLY A 139 6.20 -1.75 2.65
C GLY A 139 5.16 -0.69 2.97
N VAL A 140 4.14 -1.08 3.74
CA VAL A 140 3.10 -0.11 4.12
C VAL A 140 3.72 0.98 5.01
N GLU A 141 4.41 0.57 6.07
CA GLU A 141 4.94 1.54 7.04
C GLU A 141 5.99 2.46 6.43
N SER A 142 6.91 1.91 5.64
CA SER A 142 7.95 2.72 4.99
C SER A 142 7.33 3.78 4.07
N THR A 143 6.29 3.38 3.34
CA THR A 143 5.58 4.32 2.49
C THR A 143 4.88 5.39 3.34
N ALA A 144 4.25 4.94 4.43
CA ALA A 144 3.54 5.83 5.36
C ALA A 144 4.50 6.87 5.98
N ARG A 145 5.63 6.38 6.48
CA ARG A 145 6.65 7.27 7.04
C ARG A 145 7.14 8.31 6.04
N GLU A 146 7.46 7.89 4.83
CA GLU A 146 7.96 8.80 3.82
C GLU A 146 6.87 9.77 3.35
N ALA A 147 5.63 9.29 3.22
CA ALA A 147 4.52 10.14 2.77
C ALA A 147 4.27 11.27 3.77
N TYR A 148 4.33 10.92 5.04
CA TYR A 148 4.23 11.90 6.13
C TYR A 148 5.33 12.99 5.98
N GLU A 149 6.57 12.58 5.77
CA GLU A 149 7.68 13.55 5.64
C GLU A 149 7.53 14.42 4.40
N ASN A 150 6.82 13.89 3.41
CA ASN A 150 6.52 14.59 2.18
C ASN A 150 5.20 15.37 2.23
N ASN A 151 4.67 15.53 3.44
CA ASN A 151 3.57 16.46 3.71
C ASN A 151 2.22 16.00 3.20
N TYR A 152 2.07 14.69 3.03
CA TYR A 152 0.75 14.09 2.71
C TYR A 152 0.02 13.74 4.00
N ASN A 153 -1.30 13.94 3.99
CA ASN A 153 -2.16 13.40 5.04
C ASN A 153 -2.33 11.91 4.78
N VAL A 154 -1.86 11.09 5.70
CA VAL A 154 -1.86 9.63 5.53
C VAL A 154 -2.96 8.98 6.38
N VAL A 155 -3.73 8.09 5.75
CA VAL A 155 -4.70 7.26 6.44
C VAL A 155 -4.34 5.82 6.14
N VAL A 156 -4.18 5.02 7.19
CA VAL A 156 -3.93 3.59 7.04
C VAL A 156 -5.19 2.78 7.40
N VAL A 157 -5.53 1.83 6.52
CA VAL A 157 -6.77 1.07 6.62
C VAL A 157 -6.52 -0.22 7.39
N SER A 158 -6.98 -0.25 8.64
CA SER A 158 -6.64 -1.31 9.56
C SER A 158 -7.05 -2.71 9.10
N ASP A 159 -8.21 -2.79 8.46
CA ASP A 159 -8.68 -4.08 7.93
C ASP A 159 -8.29 -4.33 6.49
N ALA A 160 -7.33 -3.54 5.98
CA ALA A 160 -6.73 -3.82 4.67
C ALA A 160 -5.21 -3.68 4.70
N VAL A 161 -4.61 -3.84 5.88
CA VAL A 161 -3.18 -4.06 6.03
C VAL A 161 -2.98 -5.28 6.95
N SER A 162 -2.06 -6.15 6.55
CA SER A 162 -1.73 -7.34 7.35
C SER A 162 -0.23 -7.57 7.41
N THR A 163 0.19 -8.34 8.40
CA THR A 163 1.60 -8.55 8.67
C THR A 163 1.83 -9.89 9.36
N TRP A 164 3.02 -10.12 9.90
CA TRP A 164 3.42 -11.48 10.30
C TRP A 164 2.95 -11.90 11.67
N SER A 165 2.49 -10.96 12.49
CA SER A 165 1.97 -11.31 13.82
C SER A 165 1.00 -10.25 14.27
N THR A 166 0.11 -10.62 15.20
CA THR A 166 -0.85 -9.64 15.73
C THR A 166 -0.13 -8.62 16.60
N ASP A 167 0.96 -9.02 17.25
CA ASP A 167 1.78 -8.07 18.02
C ASP A 167 2.34 -6.98 17.07
N ALA A 168 2.81 -7.40 15.89
CA ALA A 168 3.36 -6.42 14.94
C ALA A 168 2.29 -5.53 14.37
N GLN A 169 1.13 -6.09 14.06
CA GLN A 169 0.01 -5.28 13.61
C GLN A 169 -0.33 -4.23 14.64
N THR A 170 -0.52 -4.67 15.88
CA THR A 170 -0.87 -3.77 16.95
C THR A 170 0.17 -2.70 17.20
N PHE A 171 1.44 -3.08 17.18
CA PHE A 171 2.50 -2.11 17.36
C PHE A 171 2.43 -0.99 16.32
N ALA A 172 2.35 -1.34 15.03
CA ALA A 172 2.27 -0.34 13.98
C ALA A 172 0.99 0.52 14.13
N LEU A 173 -0.16 -0.12 14.35
CA LEU A 173 -1.42 0.61 14.36
C LEU A 173 -1.61 1.50 15.59
N THR A 174 -0.98 1.14 16.70
CA THR A 174 -1.15 1.88 17.94
C THR A 174 0.06 2.74 18.34
N GLN A 175 1.27 2.31 17.96
CA GLN A 175 2.49 2.99 18.43
C GLN A 175 3.13 3.91 17.37
N ILE A 176 2.90 3.63 16.09
CA ILE A 176 3.54 4.39 15.01
C ILE A 176 2.56 5.19 14.19
N PHE A 177 1.60 4.53 13.57
CA PHE A 177 0.73 5.19 12.60
C PHE A 177 -0.06 6.38 13.17
N PRO A 178 -0.57 6.28 14.41
CA PRO A 178 -1.28 7.44 14.98
C PRO A 178 -0.43 8.70 15.08
N LYS A 179 0.90 8.56 15.08
CA LYS A 179 1.81 9.70 15.15
C LYS A 179 2.14 10.36 13.79
N LEU A 180 1.86 9.64 12.71
CA LEU A 180 2.17 10.12 11.37
C LEU A 180 0.90 10.24 10.50
N GLY A 181 -0.25 9.88 11.05
CA GLY A 181 -1.47 9.93 10.28
C GLY A 181 -2.64 9.41 11.08
N GLN A 182 -3.63 8.89 10.35
CA GLN A 182 -4.89 8.40 10.93
C GLN A 182 -5.11 6.93 10.61
N VAL A 183 -5.64 6.18 11.58
CA VAL A 183 -5.95 4.77 11.43
C VAL A 183 -7.47 4.62 11.42
N ALA A 184 -8.00 3.94 10.40
CA ALA A 184 -9.45 3.79 10.28
C ALA A 184 -9.75 2.49 9.54
N THR A 185 -10.99 2.03 9.63
CA THR A 185 -11.44 0.87 8.87
C THR A 185 -11.83 1.31 7.45
N ALA A 186 -11.85 0.35 6.53
CA ALA A 186 -12.35 0.57 5.19
C ALA A 186 -13.74 1.23 5.16
N ALA A 187 -14.64 0.76 6.02
CA ALA A 187 -15.99 1.33 6.12
C ALA A 187 -15.95 2.79 6.57
N ASP A 188 -15.11 3.09 7.57
CA ASP A 188 -14.86 4.45 8.05
C ASP A 188 -14.36 5.33 6.88
N VAL A 189 -13.43 4.81 6.09
CA VAL A 189 -12.89 5.60 4.97
C VAL A 189 -13.99 5.90 3.96
N GLU A 190 -14.76 4.88 3.61
CA GLU A 190 -15.89 5.02 2.67
C GLU A 190 -16.89 6.08 3.15
N ALA A 191 -17.20 6.06 4.46
CA ALA A 191 -18.09 7.08 5.03
C ALA A 191 -17.48 8.49 4.94
N ALA A 192 -16.17 8.61 5.11
CA ALA A 192 -15.49 9.91 5.01
C ALA A 192 -15.50 10.43 3.56
N LEU A 193 -15.62 9.53 2.59
CA LEU A 193 -15.72 9.92 1.18
C LEU A 193 -17.10 10.45 0.89
N GLU A 194 -18.10 9.70 1.35
CA GLU A 194 -19.52 10.05 1.16
C GLU A 194 -19.91 11.39 1.82
N THR A 195 -19.09 11.89 2.76
CA THR A 195 -19.34 13.21 3.37
C THR A 195 -19.14 14.35 2.37
#